data_6JEV
#
_entry.id   6JEV
#
_cell.length_a   40.062
_cell.length_b   40.062
_cell.length_c   188.271
_cell.angle_alpha   90.000
_cell.angle_beta   90.000
_cell.angle_gamma   120.000
#
_symmetry.space_group_name_H-M   'P 32'
#
loop_
_entity.id
_entity.type
_entity.pdbx_description
1 polymer 'Peptide deformylase'
2 non-polymer 'ZINC ION'
3 non-polymer '(3~{R},4~{R})-4-oxidanyl-3-(phenylmethyl)-4-(phenylmethylsulfanyl)butanoic acid'
4 water water
#
_entity_poly.entity_id   1
_entity_poly.type   'polypeptide(L)'
_entity_poly.pdbx_seq_one_letter_code
;LLPILSFPDPRLRTIAKPVEEVTDEIRQLAADMFETMYAAPGIGLAASQVDRHIQLIVMDLSESKDEPMVFINPKVTPLT
EETQPYEEGCLSVPQIYDKVDRPSRVKIEAINLEGQAFEIEADGLLAVCIQHEMDHLNGKLFVDYLSPLKRQRAREKVEK
IVRQREREKVA
;
_entity_poly.pdbx_strand_id   A,B
#
loop_
_chem_comp.id
_chem_comp.type
_chem_comp.name
_chem_comp.formula
K2U non-polymer '(3~{R},4~{R})-4-oxidanyl-3-(phenylmethyl)-4-(phenylmethylsulfanyl)butanoic acid' 'C18 H20 O3 S'
ZN non-polymer 'ZINC ION' 'Zn 2'
#
# COMPACT_ATOMS: atom_id res chain seq x y z
N LEU A 1 -15.23 -15.56 6.77
CA LEU A 1 -13.85 -15.03 6.66
C LEU A 1 -13.19 -15.04 8.04
N LEU A 2 -12.01 -15.65 8.13
CA LEU A 2 -11.19 -15.67 9.35
C LEU A 2 -10.55 -14.30 9.52
N PRO A 3 -10.37 -13.83 10.77
CA PRO A 3 -9.68 -12.56 11.00
C PRO A 3 -8.16 -12.79 10.82
N ILE A 4 -7.46 -11.86 10.18
CA ILE A 4 -5.99 -11.97 9.96
C ILE A 4 -5.29 -11.15 11.04
N LEU A 5 -4.36 -11.75 11.74
CA LEU A 5 -3.50 -11.05 12.74
C LEU A 5 -2.67 -9.99 12.02
N SER A 6 -2.44 -8.85 12.67
CA SER A 6 -1.70 -7.68 12.17
C SER A 6 -0.46 -7.44 13.00
N PHE A 7 0.67 -7.17 12.35
CA PHE A 7 1.92 -6.67 12.97
C PHE A 7 1.56 -5.40 13.75
N PRO A 8 2.00 -5.19 15.01
CA PRO A 8 2.96 -6.07 15.70
C PRO A 8 2.41 -7.13 16.67
N ASP A 9 1.29 -7.78 16.33
CA ASP A 9 0.66 -8.81 17.20
C ASP A 9 1.70 -9.88 17.56
N PRO A 10 1.98 -10.13 18.86
CA PRO A 10 2.99 -11.12 19.23
C PRO A 10 2.64 -12.57 18.86
N ARG A 11 1.38 -12.89 18.63
CA ARG A 11 1.00 -14.28 18.22
C ARG A 11 1.56 -14.58 16.81
N LEU A 12 2.01 -13.57 16.05
CA LEU A 12 2.64 -13.81 14.73
C LEU A 12 4.07 -14.35 14.87
N ARG A 13 4.63 -14.35 16.08
CA ARG A 13 6.00 -14.83 16.38
C ARG A 13 5.97 -16.30 16.80
N THR A 14 4.79 -16.89 16.95
CA THR A 14 4.60 -18.30 17.40
C THR A 14 5.21 -19.26 16.36
N ILE A 15 5.90 -20.30 16.81
CA ILE A 15 6.49 -21.34 15.91
C ILE A 15 5.42 -22.41 15.76
N ALA A 16 4.98 -22.66 14.52
CA ALA A 16 3.87 -23.58 14.20
C ALA A 16 4.31 -25.02 14.45
N LYS A 17 3.39 -25.85 14.94
CA LYS A 17 3.55 -27.32 15.11
C LYS A 17 3.20 -28.04 13.81
N PRO A 18 3.90 -29.15 13.48
CA PRO A 18 3.51 -30.00 12.36
C PRO A 18 2.07 -30.50 12.52
N VAL A 19 1.41 -30.70 11.39
CA VAL A 19 0.06 -31.32 11.28
C VAL A 19 0.23 -32.84 11.36
N GLU A 20 -0.50 -33.44 12.29
CA GLU A 20 -0.27 -34.86 12.69
C GLU A 20 -1.04 -35.77 11.73
N GLU A 21 -2.31 -35.46 11.48
CA GLU A 21 -3.13 -36.12 10.44
C GLU A 21 -3.91 -35.03 9.70
N VAL A 22 -4.02 -35.17 8.38
CA VAL A 22 -4.89 -34.29 7.55
C VAL A 22 -6.34 -34.70 7.80
N THR A 23 -6.96 -34.16 8.85
CA THR A 23 -8.37 -34.45 9.24
C THR A 23 -9.33 -33.60 8.39
N ASP A 24 -10.64 -33.79 8.53
CA ASP A 24 -11.64 -32.96 7.82
C ASP A 24 -11.65 -31.56 8.44
N GLU A 25 -11.18 -31.41 9.69
CA GLU A 25 -11.07 -30.09 10.37
C GLU A 25 -9.92 -29.29 9.74
N ILE A 26 -8.76 -29.89 9.39
CA ILE A 26 -7.70 -29.10 8.70
C ILE A 26 -8.15 -28.86 7.25
N ARG A 27 -8.99 -29.72 6.67
CA ARG A 27 -9.52 -29.47 5.30
C ARG A 27 -10.47 -28.25 5.33
N GLN A 28 -11.33 -28.09 6.35
CA GLN A 28 -12.28 -26.95 6.46
C GLN A 28 -11.45 -25.67 6.72
N LEU A 29 -10.42 -25.79 7.55
CA LEU A 29 -9.51 -24.65 7.87
C LEU A 29 -8.86 -24.16 6.57
N ALA A 30 -8.29 -25.09 5.81
CA ALA A 30 -7.74 -24.78 4.48
C ALA A 30 -8.81 -24.06 3.67
N ALA A 31 -10.05 -24.57 3.64
CA ALA A 31 -11.13 -23.96 2.81
C ALA A 31 -11.38 -22.51 3.30
N ASP A 32 -11.44 -22.30 4.62
CA ASP A 32 -11.71 -20.97 5.22
C ASP A 32 -10.52 -20.04 4.94
N MET A 33 -9.30 -20.61 4.94
CA MET A 33 -8.05 -19.84 4.64
C MET A 33 -8.10 -19.36 3.19
N PHE A 34 -8.52 -20.20 2.24
CA PHE A 34 -8.59 -19.78 0.83
C PHE A 34 -9.56 -18.60 0.68
N GLU A 35 -10.76 -18.71 1.26
CA GLU A 35 -11.80 -17.64 1.14
C GLU A 35 -11.26 -16.33 1.71
N THR A 36 -10.71 -16.37 2.93
CA THR A 36 -10.06 -15.23 3.62
C THR A 36 -9.01 -14.63 2.68
N MET A 37 -8.16 -15.48 2.09
CA MET A 37 -7.02 -15.04 1.25
C MET A 37 -7.55 -14.41 -0.04
N TYR A 38 -8.46 -15.08 -0.74
CA TYR A 38 -9.04 -14.58 -2.02
C TYR A 38 -9.79 -13.24 -1.78
N ALA A 39 -10.44 -13.09 -0.63
CA ALA A 39 -11.29 -11.92 -0.28
C ALA A 39 -10.42 -10.70 0.06
N ALA A 40 -9.17 -10.90 0.49
CA ALA A 40 -8.29 -9.82 1.01
C ALA A 40 -8.09 -8.73 -0.05
N PRO A 41 -7.64 -9.01 -1.30
CA PRO A 41 -7.20 -10.31 -1.78
C PRO A 41 -5.69 -10.49 -1.55
N GLY A 42 -5.21 -11.72 -1.43
CA GLY A 42 -3.77 -12.03 -1.36
C GLY A 42 -3.45 -13.28 -2.16
N ILE A 43 -2.15 -13.58 -2.34
CA ILE A 43 -1.68 -14.77 -3.10
C ILE A 43 -1.17 -15.86 -2.16
N GLY A 44 -1.00 -15.57 -0.88
CA GLY A 44 -0.59 -16.56 0.13
C GLY A 44 -1.15 -16.29 1.50
N LEU A 45 -1.32 -17.33 2.31
CA LEU A 45 -1.64 -17.18 3.72
C LEU A 45 -1.15 -18.39 4.51
N ALA A 46 -0.51 -18.12 5.63
CA ALA A 46 -0.03 -19.15 6.57
C ALA A 46 -1.03 -19.24 7.72
N ALA A 47 -1.21 -20.45 8.24
CA ALA A 47 -2.26 -20.68 9.28
C ALA A 47 -1.94 -19.78 10.49
N SER A 48 -0.66 -19.53 10.73
CA SER A 48 -0.13 -18.62 11.80
C SER A 48 -0.86 -17.27 11.76
N GLN A 49 -1.12 -16.76 10.55
CA GLN A 49 -1.74 -15.45 10.27
C GLN A 49 -3.22 -15.41 10.69
N VAL A 50 -3.89 -16.55 10.79
CA VAL A 50 -5.29 -16.61 11.28
C VAL A 50 -5.29 -17.18 12.71
N ASP A 51 -4.13 -17.17 13.38
CA ASP A 51 -3.98 -17.60 14.80
C ASP A 51 -4.29 -19.11 14.94
N ARG A 52 -3.84 -19.91 13.98
CA ARG A 52 -3.88 -21.39 14.05
C ARG A 52 -2.45 -21.85 13.80
N HIS A 53 -1.73 -22.22 14.85
CA HIS A 53 -0.25 -22.34 14.86
C HIS A 53 0.19 -23.75 14.42
N ILE A 54 -0.17 -24.10 13.19
CA ILE A 54 0.11 -25.41 12.54
C ILE A 54 0.71 -25.14 11.16
N GLN A 55 1.46 -26.12 10.65
CA GLN A 55 2.25 -26.05 9.40
C GLN A 55 1.31 -26.29 8.20
N LEU A 56 0.51 -25.25 7.92
CA LEU A 56 -0.47 -25.19 6.80
C LEU A 56 -0.31 -23.84 6.08
N ILE A 57 -0.08 -23.90 4.76
CA ILE A 57 0.01 -22.73 3.86
C ILE A 57 -0.96 -22.95 2.70
N VAL A 58 -1.80 -21.95 2.41
CA VAL A 58 -2.56 -21.91 1.13
C VAL A 58 -1.96 -20.83 0.26
N MET A 59 -2.11 -21.00 -1.04
CA MET A 59 -1.47 -20.10 -2.01
C MET A 59 -2.20 -20.23 -3.33
N ASP A 60 -2.25 -19.15 -4.09
CA ASP A 60 -2.80 -19.13 -5.47
C ASP A 60 -2.12 -17.95 -6.14
N LEU A 61 -1.18 -18.23 -7.03
CA LEU A 61 -0.37 -17.21 -7.72
C LEU A 61 -1.06 -16.71 -9.00
N SER A 62 -2.25 -17.22 -9.36
CA SER A 62 -2.87 -16.96 -10.69
C SER A 62 -3.75 -15.70 -10.64
N GLU A 63 -3.76 -14.92 -11.74
CA GLU A 63 -4.72 -13.80 -12.00
C GLU A 63 -6.14 -14.34 -11.83
N SER A 64 -6.41 -15.54 -12.38
CA SER A 64 -7.77 -16.13 -12.50
C SER A 64 -8.27 -16.57 -11.12
N LYS A 65 -7.39 -16.58 -10.11
CA LYS A 65 -7.71 -17.08 -8.76
C LYS A 65 -8.29 -18.49 -8.89
N ASP A 66 -7.69 -19.33 -9.74
CA ASP A 66 -8.19 -20.71 -9.98
C ASP A 66 -7.04 -21.72 -10.08
N GLU A 67 -5.87 -21.42 -9.51
CA GLU A 67 -4.71 -22.35 -9.37
C GLU A 67 -4.35 -22.48 -7.88
N PRO A 68 -5.28 -22.98 -7.03
CA PRO A 68 -5.02 -23.13 -5.60
C PRO A 68 -3.99 -24.23 -5.29
N MET A 69 -3.15 -24.01 -4.28
CA MET A 69 -2.11 -24.96 -3.84
C MET A 69 -2.10 -25.01 -2.33
N VAL A 70 -1.90 -26.20 -1.75
CA VAL A 70 -1.76 -26.38 -0.30
C VAL A 70 -0.40 -27.00 0.00
N PHE A 71 0.23 -26.50 1.05
CA PHE A 71 1.50 -27.07 1.56
C PHE A 71 1.29 -27.32 3.05
N ILE A 72 1.40 -28.59 3.44
CA ILE A 72 1.31 -29.00 4.87
C ILE A 72 2.64 -29.63 5.24
N ASN A 73 3.16 -29.23 6.42
CA ASN A 73 4.45 -29.69 6.97
C ASN A 73 5.58 -29.49 5.96
N PRO A 74 5.70 -28.29 5.37
CA PRO A 74 6.66 -28.10 4.29
C PRO A 74 8.12 -28.05 4.79
N LYS A 75 9.03 -28.55 3.97
CA LYS A 75 10.49 -28.35 4.08
C LYS A 75 10.94 -27.67 2.81
N VAL A 76 11.58 -26.52 2.95
CA VAL A 76 12.09 -25.72 1.82
C VAL A 76 13.61 -25.72 1.93
N THR A 77 14.28 -26.18 0.88
CA THR A 77 15.75 -26.25 0.74
C THR A 77 16.17 -25.38 -0.42
N PRO A 78 16.97 -24.32 -0.21
CA PRO A 78 17.48 -23.55 -1.33
C PRO A 78 18.41 -24.43 -2.17
N LEU A 79 18.42 -24.23 -3.50
CA LEU A 79 19.23 -25.01 -4.48
C LEU A 79 20.31 -24.14 -5.12
N THR A 80 20.66 -23.00 -4.52
CA THR A 80 21.57 -21.98 -5.11
C THR A 80 21.83 -20.90 -4.07
N GLU A 81 22.98 -20.21 -4.16
CA GLU A 81 23.31 -19.03 -3.31
C GLU A 81 22.73 -17.78 -3.97
N GLU A 82 22.44 -17.85 -5.27
CA GLU A 82 21.89 -16.71 -6.04
C GLU A 82 20.57 -16.29 -5.39
N THR A 83 20.42 -14.99 -5.09
CA THR A 83 19.14 -14.41 -4.63
C THR A 83 18.47 -13.67 -5.79
N GLN A 84 17.25 -13.21 -5.55
CA GLN A 84 16.38 -12.50 -6.53
C GLN A 84 15.63 -11.46 -5.71
N PRO A 85 15.80 -10.15 -5.99
CA PRO A 85 14.98 -9.13 -5.34
C PRO A 85 13.50 -9.27 -5.70
N TYR A 86 12.62 -9.10 -4.72
CA TYR A 86 11.17 -9.03 -4.96
C TYR A 86 10.55 -8.06 -3.94
N GLU A 87 9.65 -7.23 -4.43
CA GLU A 87 8.84 -6.29 -3.64
C GLU A 87 7.75 -7.13 -2.96
N GLU A 88 7.92 -7.46 -1.69
CA GLU A 88 6.99 -8.35 -0.93
C GLU A 88 5.94 -7.51 -0.21
N GLY A 89 4.73 -8.03 -0.17
CA GLY A 89 3.71 -7.62 0.79
C GLY A 89 3.25 -8.80 1.63
N CYS A 90 2.29 -8.53 2.48
CA CYS A 90 1.84 -9.48 3.51
C CYS A 90 0.49 -9.05 4.08
N LEU A 91 -0.48 -9.94 4.09
CA LEU A 91 -1.82 -9.57 4.58
C LEU A 91 -1.71 -9.23 6.07
N SER A 92 -0.66 -9.67 6.78
CA SER A 92 -0.44 -9.38 8.22
C SER A 92 0.37 -8.09 8.42
N VAL A 93 0.83 -7.47 7.33
CA VAL A 93 1.47 -6.11 7.35
C VAL A 93 0.75 -5.27 6.29
N PRO A 94 -0.54 -4.95 6.53
CA PRO A 94 -1.43 -4.47 5.47
C PRO A 94 -0.95 -3.18 4.80
N GLN A 95 -1.02 -3.20 3.46
CA GLN A 95 -0.67 -2.09 2.54
C GLN A 95 0.82 -1.70 2.61
N ILE A 96 1.68 -2.49 3.23
CA ILE A 96 3.17 -2.25 3.24
C ILE A 96 3.83 -3.20 2.25
N TYR A 97 4.73 -2.67 1.42
CA TYR A 97 5.58 -3.45 0.46
C TYR A 97 7.03 -2.95 0.57
N ASP A 98 8.00 -3.87 0.59
CA ASP A 98 9.44 -3.51 0.40
C ASP A 98 10.20 -4.67 -0.24
N LYS A 99 11.41 -4.36 -0.71
CA LYS A 99 12.29 -5.31 -1.43
C LYS A 99 12.89 -6.26 -0.40
N VAL A 100 12.84 -7.56 -0.70
CA VAL A 100 13.54 -8.65 0.02
C VAL A 100 14.26 -9.50 -1.02
N ASP A 101 15.48 -9.88 -0.68
CA ASP A 101 16.38 -10.78 -1.45
C ASP A 101 16.34 -12.15 -0.78
N ARG A 102 15.90 -13.16 -1.52
CA ARG A 102 15.81 -14.57 -1.09
C ARG A 102 16.45 -15.44 -2.16
N PRO A 103 16.96 -16.64 -1.79
CA PRO A 103 17.42 -17.63 -2.76
C PRO A 103 16.41 -17.79 -3.90
N SER A 104 16.89 -17.82 -5.16
CA SER A 104 16.03 -17.70 -6.39
C SER A 104 15.47 -19.06 -6.81
N ARG A 105 15.99 -20.17 -6.28
CA ARG A 105 15.50 -21.53 -6.63
C ARG A 105 15.48 -22.39 -5.37
N VAL A 106 14.39 -23.12 -5.14
CA VAL A 106 14.23 -23.94 -3.90
C VAL A 106 13.56 -25.27 -4.22
N LYS A 107 13.82 -26.26 -3.37
CA LYS A 107 13.09 -27.54 -3.35
C LYS A 107 12.01 -27.42 -2.29
N ILE A 108 10.77 -27.78 -2.61
CA ILE A 108 9.65 -27.85 -1.63
C ILE A 108 9.23 -29.31 -1.50
N GLU A 109 9.25 -29.83 -0.26
CA GLU A 109 8.69 -31.14 0.15
C GLU A 109 7.56 -30.86 1.14
N ALA A 110 6.37 -31.33 0.85
CA ALA A 110 5.17 -31.04 1.65
C ALA A 110 4.13 -32.13 1.38
N ILE A 111 3.03 -32.08 2.12
CA ILE A 111 1.88 -32.98 1.92
C ILE A 111 0.70 -32.12 1.50
N ASN A 112 -0.19 -32.71 0.72
CA ASN A 112 -1.38 -32.05 0.14
C ASN A 112 -2.57 -32.39 1.05
N LEU A 113 -3.78 -31.94 0.71
CA LEU A 113 -5.01 -32.14 1.54
C LEU A 113 -5.50 -33.59 1.53
N GLU A 114 -4.93 -34.45 0.68
CA GLU A 114 -5.18 -35.91 0.64
C GLU A 114 -4.16 -36.66 1.52
N GLY A 115 -3.22 -35.95 2.16
CA GLY A 115 -2.14 -36.58 2.92
C GLY A 115 -1.07 -37.19 2.02
N GLN A 116 -1.03 -36.86 0.73
CA GLN A 116 0.04 -37.34 -0.18
C GLN A 116 1.26 -36.40 -0.16
N ALA A 117 2.44 -36.97 -0.01
CA ALA A 117 3.74 -36.27 -0.09
C ALA A 117 4.06 -35.89 -1.54
N PHE A 118 4.71 -34.75 -1.73
CA PHE A 118 5.16 -34.30 -3.07
C PHE A 118 6.48 -33.58 -2.91
N GLU A 119 7.23 -33.49 -4.01
CA GLU A 119 8.51 -32.78 -4.06
C GLU A 119 8.55 -32.04 -5.39
N ILE A 120 8.71 -30.72 -5.34
CA ILE A 120 8.74 -29.88 -6.56
C ILE A 120 9.89 -28.90 -6.41
N GLU A 121 10.33 -28.39 -7.54
CA GLU A 121 11.40 -27.39 -7.65
C GLU A 121 10.70 -26.09 -8.04
N ALA A 122 11.02 -25.00 -7.35
CA ALA A 122 10.34 -23.69 -7.50
C ALA A 122 11.35 -22.60 -7.84
N ASP A 123 10.98 -21.73 -8.76
CA ASP A 123 11.73 -20.48 -9.10
C ASP A 123 10.70 -19.36 -9.16
N GLY A 124 11.17 -18.14 -9.47
CA GLY A 124 10.33 -16.95 -9.65
C GLY A 124 9.43 -16.77 -8.44
N LEU A 125 8.14 -16.53 -8.70
CA LEU A 125 7.22 -16.04 -7.65
C LEU A 125 6.96 -17.18 -6.68
N LEU A 126 6.94 -18.44 -7.14
CA LEU A 126 6.69 -19.57 -6.21
C LEU A 126 7.81 -19.62 -5.16
N ALA A 127 9.08 -19.55 -5.57
CA ALA A 127 10.20 -19.57 -4.65
C ALA A 127 10.08 -18.44 -3.62
N VAL A 128 9.68 -17.24 -4.08
CA VAL A 128 9.56 -16.04 -3.20
C VAL A 128 8.45 -16.33 -2.17
N CYS A 129 7.32 -16.83 -2.65
CA CYS A 129 6.09 -16.93 -1.83
C CYS A 129 6.22 -18.06 -0.81
N ILE A 130 6.77 -19.22 -1.22
CA ILE A 130 6.90 -20.36 -0.29
C ILE A 130 7.87 -19.99 0.85
N GLN A 131 8.91 -19.24 0.56
CA GLN A 131 9.91 -18.85 1.58
C GLN A 131 9.29 -17.80 2.53
N HIS A 132 8.53 -16.87 1.98
CA HIS A 132 7.72 -15.89 2.74
C HIS A 132 6.80 -16.65 3.71
N GLU A 133 6.04 -17.63 3.20
CA GLU A 133 5.01 -18.35 4.00
C GLU A 133 5.69 -19.31 4.98
N MET A 134 6.83 -19.92 4.64
CA MET A 134 7.61 -20.77 5.59
C MET A 134 8.07 -19.92 6.80
N ASP A 135 8.53 -18.70 6.53
CA ASP A 135 8.93 -17.70 7.55
C ASP A 135 7.81 -17.52 8.58
N HIS A 136 6.54 -17.42 8.15
CA HIS A 136 5.38 -17.28 9.07
C HIS A 136 5.34 -18.47 10.05
N LEU A 137 5.59 -19.70 9.56
CA LEU A 137 5.52 -20.91 10.40
C LEU A 137 6.65 -20.94 11.43
N ASN A 138 7.71 -20.15 11.20
CA ASN A 138 8.86 -19.99 12.11
C ASN A 138 8.76 -18.62 12.80
N GLY A 139 7.58 -17.98 12.80
CA GLY A 139 7.31 -16.75 13.58
C GLY A 139 8.03 -15.52 13.03
N LYS A 140 8.36 -15.52 11.74
CA LYS A 140 9.15 -14.44 11.11
C LYS A 140 8.28 -13.69 10.09
N LEU A 141 8.43 -12.35 10.07
CA LEU A 141 7.75 -11.44 9.12
C LEU A 141 8.76 -10.83 8.17
N PHE A 142 8.34 -10.47 6.95
CA PHE A 142 9.24 -9.94 5.90
C PHE A 142 9.85 -8.61 6.40
N VAL A 143 9.18 -7.91 7.31
CA VAL A 143 9.71 -6.64 7.90
C VAL A 143 10.93 -6.89 8.81
N ASP A 144 11.20 -8.14 9.22
CA ASP A 144 12.40 -8.48 10.04
C ASP A 144 13.68 -8.35 9.21
N TYR A 145 13.58 -8.35 7.89
CA TYR A 145 14.72 -8.19 6.94
C TYR A 145 14.95 -6.71 6.61
N LEU A 146 14.09 -5.79 7.06
CA LEU A 146 14.24 -4.34 6.76
C LEU A 146 15.03 -3.69 7.90
N SER A 147 15.55 -2.49 7.63
CA SER A 147 16.18 -1.62 8.66
C SER A 147 15.12 -1.34 9.72
N PRO A 148 15.55 -1.17 11.01
CA PRO A 148 14.63 -0.88 12.12
C PRO A 148 13.73 0.36 11.93
N LEU A 149 14.20 1.43 11.27
CA LEU A 149 13.36 2.62 10.95
C LEU A 149 12.23 2.19 10.02
N LYS A 150 12.55 1.37 9.02
CA LYS A 150 11.58 0.88 8.02
C LYS A 150 10.54 0.02 8.74
N ARG A 151 10.97 -0.76 9.74
CA ARG A 151 10.10 -1.61 10.57
C ARG A 151 9.21 -0.73 11.45
N GLN A 152 9.78 0.28 12.13
CA GLN A 152 9.04 1.24 13.01
C GLN A 152 7.96 1.99 12.21
N ARG A 153 8.31 2.49 11.02
CA ARG A 153 7.42 3.22 10.07
C ARG A 153 6.32 2.26 9.60
N ALA A 154 6.65 1.00 9.33
CA ALA A 154 5.65 -0.03 8.96
C ALA A 154 4.63 -0.20 10.10
N ARG A 155 5.12 -0.47 11.31
CA ARG A 155 4.33 -0.58 12.56
C ARG A 155 3.36 0.61 12.74
N GLU A 156 3.87 1.83 12.65
CA GLU A 156 3.08 3.07 12.85
C GLU A 156 2.01 3.15 11.76
N LYS A 157 2.35 2.84 10.50
CA LYS A 157 1.35 2.93 9.41
C LYS A 157 0.32 1.80 9.54
N VAL A 158 0.73 0.58 9.88
CA VAL A 158 -0.25 -0.54 10.09
C VAL A 158 -1.23 -0.16 11.22
N GLU A 159 -0.74 0.40 12.33
CA GLU A 159 -1.64 0.75 13.46
C GLU A 159 -2.70 1.73 12.94
N LYS A 160 -2.30 2.69 12.11
CA LYS A 160 -3.25 3.65 11.48
C LYS A 160 -4.25 2.93 10.57
N ILE A 161 -3.79 2.00 9.73
CA ILE A 161 -4.68 1.28 8.76
C ILE A 161 -5.72 0.45 9.53
N VAL A 162 -5.28 -0.21 10.60
CA VAL A 162 -6.14 -1.09 11.45
C VAL A 162 -7.23 -0.25 12.12
N ARG A 163 -6.85 0.89 12.70
CA ARG A 163 -7.76 1.89 13.31
C ARG A 163 -8.77 2.35 12.25
N GLN A 164 -8.35 2.60 11.00
CA GLN A 164 -9.25 3.01 9.90
C GLN A 164 -10.19 1.87 9.53
N ARG A 165 -9.70 0.62 9.56
CA ARG A 165 -10.56 -0.53 9.21
C ARG A 165 -11.62 -0.71 10.32
N GLU A 166 -11.30 -0.45 11.58
CA GLU A 166 -12.29 -0.50 12.70
C GLU A 166 -13.35 0.60 12.52
N ARG A 167 -12.90 1.83 12.26
CA ARG A 167 -13.80 2.99 12.02
C ARG A 167 -14.74 2.70 10.84
N GLU A 168 -14.26 2.03 9.79
CA GLU A 168 -15.08 1.65 8.61
C GLU A 168 -16.19 0.67 9.03
N LYS A 169 -16.00 -0.13 10.08
CA LYS A 169 -17.06 -1.05 10.56
C LYS A 169 -18.15 -0.29 11.32
N VAL A 170 -17.82 0.87 11.93
CA VAL A 170 -18.76 1.68 12.77
C VAL A 170 -19.65 2.54 11.85
N ALA A 171 -19.06 3.11 10.79
CA ALA A 171 -19.71 3.96 9.77
C ALA A 171 -20.83 3.19 9.07
N LEU B 1 -14.91 15.55 -16.21
CA LEU B 1 -14.05 15.99 -15.07
C LEU B 1 -14.52 15.29 -13.79
N LEU B 2 -13.57 14.72 -13.02
CA LEU B 2 -13.85 14.10 -11.71
C LEU B 2 -14.13 15.21 -10.70
N PRO B 3 -15.05 14.98 -9.73
CA PRO B 3 -15.29 15.97 -8.69
C PRO B 3 -14.13 15.88 -7.69
N ILE B 4 -13.65 17.01 -7.16
CA ILE B 4 -12.55 17.04 -6.15
C ILE B 4 -13.18 17.17 -4.76
N LEU B 5 -12.84 16.26 -3.84
CA LEU B 5 -13.26 16.36 -2.42
C LEU B 5 -12.70 17.65 -1.80
N SER B 6 -13.48 18.30 -0.94
CA SER B 6 -13.12 19.55 -0.23
C SER B 6 -13.06 19.30 1.28
N PHE B 7 -12.00 19.81 1.91
CA PHE B 7 -11.86 19.93 3.38
C PHE B 7 -13.15 20.56 3.89
N PRO B 8 -13.81 20.09 4.98
CA PRO B 8 -13.32 19.01 5.83
C PRO B 8 -13.88 17.60 5.58
N ASP B 9 -14.08 17.24 4.31
CA ASP B 9 -14.64 15.90 3.94
C ASP B 9 -13.81 14.81 4.60
N PRO B 10 -14.42 13.93 5.42
CA PRO B 10 -13.63 12.90 6.13
C PRO B 10 -13.00 11.85 5.19
N ARG B 11 -13.44 11.75 3.94
CA ARG B 11 -12.84 10.78 2.99
C ARG B 11 -11.42 11.24 2.58
N LEU B 12 -11.03 12.49 2.83
CA LEU B 12 -9.65 12.96 2.54
C LEU B 12 -8.68 12.41 3.58
N ARG B 13 -9.18 11.81 4.68
CA ARG B 13 -8.31 11.21 5.73
C ARG B 13 -8.05 9.74 5.44
N THR B 14 -8.59 9.16 4.37
CA THR B 14 -8.42 7.72 4.04
C THR B 14 -6.95 7.48 3.65
N ILE B 15 -6.35 6.40 4.13
CA ILE B 15 -4.97 5.98 3.77
C ILE B 15 -5.10 5.14 2.52
N ALA B 16 -4.43 5.53 1.44
CA ALA B 16 -4.56 4.91 0.10
C ALA B 16 -3.88 3.52 0.10
N LYS B 17 -4.46 2.60 -0.65
CA LYS B 17 -3.92 1.25 -0.92
C LYS B 17 -2.93 1.29 -2.07
N PRO B 18 -1.81 0.53 -2.04
CA PRO B 18 -0.92 0.39 -3.19
C PRO B 18 -1.70 -0.10 -4.41
N VAL B 19 -1.25 0.29 -5.59
CA VAL B 19 -1.75 -0.22 -6.90
C VAL B 19 -1.05 -1.56 -7.19
N GLU B 20 -1.83 -2.61 -7.44
CA GLU B 20 -1.31 -3.99 -7.52
C GLU B 20 -0.89 -4.27 -8.97
N GLU B 21 -1.66 -3.81 -9.96
CA GLU B 21 -1.25 -3.85 -11.37
C GLU B 21 -1.67 -2.53 -12.04
N VAL B 22 -0.77 -1.99 -12.86
CA VAL B 22 -1.05 -0.79 -13.70
C VAL B 22 -1.91 -1.23 -14.89
N THR B 23 -3.22 -1.32 -14.65
CA THR B 23 -4.24 -1.81 -15.61
C THR B 23 -4.70 -0.66 -16.51
N ASP B 24 -5.55 -0.94 -17.49
CA ASP B 24 -6.01 0.11 -18.41
C ASP B 24 -6.98 1.06 -17.68
N GLU B 25 -7.64 0.56 -16.62
CA GLU B 25 -8.58 1.34 -15.77
C GLU B 25 -7.79 2.39 -14.96
N ILE B 26 -6.63 2.06 -14.39
CA ILE B 26 -5.83 3.09 -13.67
C ILE B 26 -5.22 4.04 -14.72
N ARG B 27 -4.99 3.60 -15.96
CA ARG B 27 -4.49 4.49 -17.05
C ARG B 27 -5.57 5.51 -17.41
N GLN B 28 -6.84 5.09 -17.50
CA GLN B 28 -8.00 5.98 -17.74
C GLN B 28 -8.12 6.98 -16.59
N LEU B 29 -7.98 6.52 -15.34
CA LEU B 29 -8.17 7.33 -14.11
C LEU B 29 -7.07 8.40 -14.11
N ALA B 30 -5.82 7.98 -14.38
CA ALA B 30 -4.70 8.92 -14.52
C ALA B 30 -5.08 9.98 -15.55
N ALA B 31 -5.65 9.59 -16.70
CA ALA B 31 -5.98 10.56 -17.77
C ALA B 31 -7.12 11.49 -17.28
N ASP B 32 -8.08 10.96 -16.54
CA ASP B 32 -9.24 11.74 -16.00
C ASP B 32 -8.70 12.70 -14.92
N MET B 33 -7.70 12.24 -14.17
CA MET B 33 -7.07 13.08 -13.10
C MET B 33 -6.32 14.24 -13.75
N PHE B 34 -5.52 14.01 -14.80
CA PHE B 34 -4.84 15.12 -15.48
C PHE B 34 -5.87 16.17 -15.96
N GLU B 35 -6.93 15.75 -16.65
CA GLU B 35 -7.94 16.72 -17.17
C GLU B 35 -8.50 17.58 -16.03
N THR B 36 -8.89 16.92 -14.92
CA THR B 36 -9.46 17.54 -13.70
C THR B 36 -8.46 18.56 -13.15
N MET B 37 -7.18 18.17 -13.10
CA MET B 37 -6.12 19.02 -12.49
C MET B 37 -5.83 20.21 -13.40
N TYR B 38 -5.67 19.97 -14.70
CA TYR B 38 -5.44 21.00 -15.74
C TYR B 38 -6.60 22.02 -15.78
N ALA B 39 -7.84 21.55 -15.64
CA ALA B 39 -9.07 22.38 -15.70
C ALA B 39 -9.18 23.28 -14.47
N ALA B 40 -8.64 22.85 -13.32
CA ALA B 40 -8.88 23.48 -12.00
C ALA B 40 -8.53 24.97 -12.01
N PRO B 41 -7.32 25.45 -12.39
CA PRO B 41 -6.15 24.62 -12.68
C PRO B 41 -5.29 24.34 -11.44
N GLY B 42 -4.55 23.21 -11.43
CA GLY B 42 -3.58 22.89 -10.37
C GLY B 42 -2.35 22.22 -10.94
N ILE B 43 -1.32 22.00 -10.12
CA ILE B 43 -0.04 21.38 -10.58
C ILE B 43 0.13 19.98 -9.98
N GLY B 44 -0.77 19.55 -9.09
CA GLY B 44 -0.75 18.21 -8.49
C GLY B 44 -2.14 17.73 -8.11
N LEU B 45 -2.33 16.42 -8.14
CA LEU B 45 -3.58 15.80 -7.67
C LEU B 45 -3.28 14.35 -7.29
N ALA B 46 -3.71 13.99 -6.09
CA ALA B 46 -3.67 12.62 -5.55
C ALA B 46 -5.03 11.96 -5.80
N ALA B 47 -5.03 10.67 -6.08
CA ALA B 47 -6.28 9.94 -6.38
C ALA B 47 -7.26 10.05 -5.19
N SER B 48 -6.72 10.14 -3.96
CA SER B 48 -7.45 10.40 -2.69
C SER B 48 -8.42 11.58 -2.89
N GLN B 49 -7.98 12.60 -3.63
CA GLN B 49 -8.72 13.88 -3.79
C GLN B 49 -9.94 13.73 -4.68
N VAL B 50 -10.00 12.68 -5.49
CA VAL B 50 -11.17 12.37 -6.37
C VAL B 50 -11.86 11.11 -5.83
N ASP B 51 -11.64 10.78 -4.56
CA ASP B 51 -12.33 9.67 -3.86
C ASP B 51 -11.96 8.32 -4.48
N ARG B 52 -10.69 8.16 -4.85
CA ARG B 52 -10.13 6.88 -5.35
C ARG B 52 -8.88 6.63 -4.50
N HIS B 53 -9.02 5.79 -3.47
CA HIS B 53 -8.04 5.67 -2.35
C HIS B 53 -6.93 4.68 -2.73
N ILE B 54 -6.22 4.99 -3.83
CA ILE B 54 -5.04 4.23 -4.31
C ILE B 54 -3.85 5.18 -4.49
N GLN B 55 -2.65 4.60 -4.47
CA GLN B 55 -1.36 5.33 -4.47
C GLN B 55 -1.05 5.73 -5.92
N LEU B 56 -1.77 6.76 -6.37
CA LEU B 56 -1.64 7.37 -7.72
C LEU B 56 -1.63 8.90 -7.56
N ILE B 57 -0.56 9.52 -8.06
CA ILE B 57 -0.39 10.99 -8.12
C ILE B 57 -0.13 11.43 -9.57
N VAL B 58 -0.83 12.45 -10.04
CA VAL B 58 -0.51 13.17 -11.31
C VAL B 58 0.01 14.56 -10.95
N MET B 59 0.84 15.07 -11.84
CA MET B 59 1.62 16.29 -11.55
C MET B 59 2.09 16.88 -12.88
N ASP B 60 2.08 18.20 -12.98
CA ASP B 60 2.68 18.94 -14.12
C ASP B 60 3.08 20.28 -13.52
N LEU B 61 4.38 20.49 -13.32
CA LEU B 61 4.90 21.73 -12.70
C LEU B 61 5.13 22.83 -13.76
N SER B 62 4.81 22.60 -15.04
CA SER B 62 5.22 23.48 -16.18
C SER B 62 4.16 24.53 -16.47
N GLU B 63 4.56 25.78 -16.72
CA GLU B 63 3.73 26.89 -17.25
C GLU B 63 2.93 26.39 -18.45
N SER B 64 3.58 25.65 -19.35
CA SER B 64 3.04 25.24 -20.66
C SER B 64 2.01 24.13 -20.50
N LYS B 65 1.90 23.53 -19.31
CA LYS B 65 0.98 22.41 -19.03
C LYS B 65 1.29 21.28 -20.01
N ASP B 66 2.57 21.04 -20.29
CA ASP B 66 2.96 19.94 -21.21
C ASP B 66 4.16 19.14 -20.67
N GLU B 67 4.31 19.07 -19.33
CA GLU B 67 5.35 18.27 -18.63
C GLU B 67 4.66 17.34 -17.63
N PRO B 68 3.73 16.47 -18.10
CA PRO B 68 3.00 15.56 -17.22
C PRO B 68 3.92 14.48 -16.60
N MET B 69 3.71 14.19 -15.31
CA MET B 69 4.44 13.15 -14.54
C MET B 69 3.43 12.32 -13.75
N VAL B 70 3.63 11.01 -13.68
CA VAL B 70 2.84 10.08 -12.85
C VAL B 70 3.74 9.37 -11.86
N PHE B 71 3.25 9.26 -10.63
CA PHE B 71 3.91 8.50 -9.55
C PHE B 71 2.86 7.52 -9.05
N ILE B 72 3.12 6.23 -9.25
CA ILE B 72 2.30 5.13 -8.65
C ILE B 72 3.13 4.44 -7.57
N ASN B 73 2.50 4.20 -6.41
CA ASN B 73 3.11 3.52 -5.24
C ASN B 73 4.41 4.20 -4.85
N PRO B 74 4.42 5.54 -4.68
CA PRO B 74 5.68 6.21 -4.41
C PRO B 74 6.21 5.97 -2.99
N LYS B 75 7.53 5.96 -2.87
CA LYS B 75 8.28 6.08 -1.60
C LYS B 75 9.13 7.34 -1.69
N VAL B 76 8.97 8.23 -0.73
CA VAL B 76 9.69 9.52 -0.66
C VAL B 76 10.56 9.47 0.60
N THR B 77 11.86 9.58 0.44
CA THR B 77 12.82 9.58 1.57
C THR B 77 13.55 10.92 1.53
N PRO B 78 13.42 11.76 2.58
CA PRO B 78 14.20 12.99 2.63
C PRO B 78 15.69 12.67 2.65
N LEU B 79 16.49 13.54 2.04
CA LEU B 79 17.97 13.42 1.92
C LEU B 79 18.69 14.50 2.73
N THR B 80 18.02 15.19 3.67
CA THR B 80 18.59 16.38 4.35
C THR B 80 17.60 16.95 5.38
N GLU B 81 18.12 17.38 6.53
CA GLU B 81 17.35 18.01 7.63
C GLU B 81 16.93 19.41 7.22
N GLU B 82 17.70 20.05 6.33
CA GLU B 82 17.40 21.39 5.78
C GLU B 82 15.97 21.38 5.21
N THR B 83 15.12 22.30 5.67
CA THR B 83 13.78 22.53 5.08
C THR B 83 13.85 23.76 4.18
N GLN B 84 12.75 24.03 3.49
CA GLN B 84 12.56 25.21 2.61
C GLN B 84 11.10 25.63 2.80
N PRO B 85 10.80 26.90 3.12
CA PRO B 85 9.42 27.35 3.17
C PRO B 85 8.86 27.46 1.75
N TYR B 86 7.60 27.07 1.58
CA TYR B 86 6.85 27.30 0.33
C TYR B 86 5.42 27.62 0.70
N GLU B 87 4.85 28.58 -0.02
CA GLU B 87 3.43 28.97 0.10
C GLU B 87 2.64 27.91 -0.66
N GLU B 88 2.00 26.99 0.05
CA GLU B 88 1.29 25.81 -0.51
C GLU B 88 -0.21 26.13 -0.65
N GLY B 89 -0.81 25.69 -1.74
CA GLY B 89 -2.26 25.52 -1.88
C GLY B 89 -2.59 24.09 -2.26
N CYS B 90 -3.88 23.84 -2.44
CA CYS B 90 -4.45 22.49 -2.58
C CYS B 90 -5.82 22.58 -3.23
N LEU B 91 -6.06 21.81 -4.30
CA LEU B 91 -7.39 21.84 -4.96
C LEU B 91 -8.45 21.33 -3.99
N SER B 92 -8.06 20.65 -2.89
CA SER B 92 -9.00 20.16 -1.85
C SER B 92 -9.18 21.15 -0.70
N VAL B 93 -8.45 22.25 -0.74
CA VAL B 93 -8.62 23.39 0.22
C VAL B 93 -8.69 24.64 -0.63
N PRO B 94 -9.77 24.79 -1.44
CA PRO B 94 -9.78 25.74 -2.55
C PRO B 94 -9.55 27.20 -2.13
N GLN B 95 -8.62 27.85 -2.82
CA GLN B 95 -8.28 29.29 -2.71
C GLN B 95 -7.58 29.62 -1.39
N ILE B 96 -7.21 28.62 -0.57
CA ILE B 96 -6.43 28.82 0.69
C ILE B 96 -4.97 28.50 0.41
N TYR B 97 -4.06 29.37 0.85
CA TYR B 97 -2.58 29.21 0.72
C TYR B 97 -1.92 29.58 2.06
N ASP B 98 -0.94 28.81 2.52
CA ASP B 98 -0.05 29.23 3.64
C ASP B 98 1.32 28.57 3.53
N LYS B 99 2.26 29.07 4.34
CA LYS B 99 3.66 28.59 4.38
C LYS B 99 3.71 27.24 5.10
N VAL B 100 4.43 26.30 4.49
CA VAL B 100 4.83 25.00 5.09
C VAL B 100 6.33 24.82 4.84
N ASP B 101 7.04 24.32 5.85
CA ASP B 101 8.49 23.94 5.75
C ASP B 101 8.55 22.41 5.68
N ARG B 102 9.14 21.90 4.60
CA ARG B 102 9.37 20.47 4.35
C ARG B 102 10.84 20.29 4.00
N PRO B 103 11.40 19.09 4.25
CA PRO B 103 12.74 18.74 3.77
C PRO B 103 12.96 19.23 2.33
N SER B 104 14.10 19.87 2.01
CA SER B 104 14.32 20.60 0.73
C SER B 104 14.86 19.66 -0.36
N ARG B 105 15.20 18.42 -0.04
CA ARG B 105 15.76 17.44 -1.00
C ARG B 105 15.24 16.06 -0.66
N VAL B 106 14.71 15.33 -1.65
CA VAL B 106 14.11 13.99 -1.41
C VAL B 106 14.47 13.06 -2.55
N LYS B 107 14.50 11.77 -2.24
CA LYS B 107 14.57 10.70 -3.25
C LYS B 107 13.14 10.25 -3.48
N ILE B 108 12.72 10.14 -4.74
CA ILE B 108 11.40 9.54 -5.10
C ILE B 108 11.66 8.23 -5.83
N GLU B 109 11.04 7.15 -5.34
CA GLU B 109 10.93 5.82 -5.99
C GLU B 109 9.46 5.55 -6.28
N ALA B 110 9.11 5.36 -7.55
CA ALA B 110 7.71 5.10 -7.95
C ALA B 110 7.66 4.26 -9.24
N ILE B 111 6.45 3.96 -9.66
CA ILE B 111 6.14 3.25 -10.93
C ILE B 111 5.48 4.27 -11.84
N ASN B 112 5.72 4.16 -13.15
CA ASN B 112 5.07 5.00 -14.18
C ASN B 112 3.87 4.24 -14.74
N LEU B 113 3.18 4.78 -15.74
CA LEU B 113 1.93 4.19 -16.33
C LEU B 113 2.24 2.92 -17.13
N GLU B 114 3.52 2.65 -17.43
CA GLU B 114 3.97 1.42 -18.15
C GLU B 114 4.36 0.34 -17.15
N GLY B 115 4.23 0.58 -15.84
CA GLY B 115 4.65 -0.37 -14.80
C GLY B 115 6.17 -0.40 -14.61
N GLN B 116 6.93 0.52 -15.18
CA GLN B 116 8.39 0.61 -14.98
C GLN B 116 8.71 1.40 -13.70
N ALA B 117 9.61 0.85 -12.88
CA ALA B 117 10.10 1.52 -11.66
C ALA B 117 11.12 2.57 -12.04
N PHE B 118 11.19 3.65 -11.28
CA PHE B 118 12.19 4.73 -11.49
C PHE B 118 12.60 5.27 -10.13
N GLU B 119 13.75 5.93 -10.09
CA GLU B 119 14.30 6.53 -8.86
C GLU B 119 14.95 7.86 -9.23
N ILE B 120 14.42 8.96 -8.70
CA ILE B 120 14.94 10.32 -9.02
C ILE B 120 15.14 11.06 -7.72
N GLU B 121 15.95 12.10 -7.81
CA GLU B 121 16.29 13.03 -6.71
C GLU B 121 15.57 14.33 -7.05
N ALA B 122 14.83 14.88 -6.10
CA ALA B 122 14.03 16.11 -6.31
C ALA B 122 14.47 17.19 -5.33
N ASP B 123 14.52 18.42 -5.83
CA ASP B 123 14.66 19.65 -5.02
C ASP B 123 13.60 20.63 -5.52
N GLY B 124 13.64 21.87 -5.02
CA GLY B 124 12.73 22.95 -5.39
C GLY B 124 11.30 22.47 -5.36
N LEU B 125 10.57 22.79 -6.40
CA LEU B 125 9.10 22.72 -6.38
C LEU B 125 8.71 21.24 -6.43
N LEU B 126 9.49 20.41 -7.14
CA LEU B 126 9.22 18.93 -7.18
C LEU B 126 9.25 18.36 -5.75
N ALA B 127 10.26 18.69 -4.95
CA ALA B 127 10.36 18.19 -3.56
C ALA B 127 9.11 18.59 -2.77
N VAL B 128 8.67 19.85 -2.90
CA VAL B 128 7.49 20.41 -2.18
C VAL B 128 6.28 19.57 -2.60
N CYS B 129 6.06 19.49 -3.91
CA CYS B 129 4.82 18.96 -4.52
C CYS B 129 4.72 17.46 -4.21
N ILE B 130 5.81 16.70 -4.32
CA ILE B 130 5.74 15.23 -4.11
C ILE B 130 5.41 14.96 -2.62
N GLN B 131 5.92 15.75 -1.70
CA GLN B 131 5.68 15.51 -0.25
C GLN B 131 4.23 15.89 0.09
N HIS B 132 3.76 16.99 -0.49
CA HIS B 132 2.35 17.42 -0.36
C HIS B 132 1.45 16.27 -0.86
N GLU B 133 1.70 15.76 -2.05
CA GLU B 133 0.85 14.70 -2.66
C GLU B 133 1.00 13.37 -1.92
N MET B 134 2.20 12.97 -1.50
CA MET B 134 2.38 11.75 -0.65
C MET B 134 1.50 11.88 0.61
N ASP B 135 1.48 13.07 1.21
CA ASP B 135 0.67 13.34 2.42
C ASP B 135 -0.81 12.96 2.17
N HIS B 136 -1.39 13.28 1.01
CA HIS B 136 -2.80 12.91 0.64
C HIS B 136 -3.01 11.39 0.72
N LEU B 137 -2.02 10.63 0.26
CA LEU B 137 -2.11 9.17 0.23
C LEU B 137 -2.05 8.62 1.67
N ASN B 138 -1.57 9.42 2.63
CA ASN B 138 -1.53 9.08 4.07
C ASN B 138 -2.67 9.80 4.83
N GLY B 139 -3.64 10.36 4.13
CA GLY B 139 -4.81 11.03 4.74
C GLY B 139 -4.48 12.39 5.35
N LYS B 140 -3.33 13.00 5.01
CA LYS B 140 -2.89 14.28 5.59
C LYS B 140 -3.09 15.45 4.60
N LEU B 141 -3.49 16.62 5.12
CA LEU B 141 -3.68 17.88 4.36
C LEU B 141 -2.67 18.91 4.85
N PHE B 142 -2.27 19.85 3.99
CA PHE B 142 -1.24 20.87 4.34
C PHE B 142 -1.76 21.77 5.47
N VAL B 143 -3.09 21.83 5.68
CA VAL B 143 -3.70 22.59 6.81
C VAL B 143 -3.43 21.91 8.17
N ASP B 144 -3.05 20.63 8.19
CA ASP B 144 -2.70 19.93 9.45
C ASP B 144 -1.40 20.47 10.06
N TYR B 145 -0.57 21.17 9.29
CA TYR B 145 0.71 21.77 9.73
C TYR B 145 0.50 23.18 10.26
N LEU B 146 -0.69 23.78 10.07
CA LEU B 146 -0.97 25.17 10.50
C LEU B 146 -1.55 25.13 11.92
N SER B 147 -1.68 26.30 12.54
CA SER B 147 -2.26 26.45 13.89
C SER B 147 -3.76 26.13 13.81
N PRO B 148 -4.39 25.66 14.91
CA PRO B 148 -5.80 25.30 14.89
C PRO B 148 -6.73 26.44 14.44
N LEU B 149 -6.38 27.69 14.76
CA LEU B 149 -7.18 28.89 14.32
C LEU B 149 -7.13 29.03 12.80
N LYS B 150 -5.95 28.87 12.19
CA LYS B 150 -5.75 29.02 10.73
C LYS B 150 -6.55 27.91 10.02
N ARG B 151 -6.60 26.72 10.61
CA ARG B 151 -7.31 25.54 10.08
C ARG B 151 -8.81 25.76 10.24
N GLN B 152 -9.27 26.28 11.39
CA GLN B 152 -10.69 26.68 11.60
C GLN B 152 -11.09 27.74 10.56
N ARG B 153 -10.28 28.78 10.34
CA ARG B 153 -10.52 29.88 9.37
C ARG B 153 -10.52 29.31 7.95
N ALA B 154 -9.63 28.37 7.66
CA ALA B 154 -9.55 27.67 6.36
C ALA B 154 -10.89 26.94 6.13
N ARG B 155 -11.33 26.14 7.09
CA ARG B 155 -12.61 25.37 7.03
C ARG B 155 -13.80 26.31 6.73
N GLU B 156 -13.89 27.42 7.45
CA GLU B 156 -15.06 28.34 7.36
C GLU B 156 -15.02 29.02 5.99
N LYS B 157 -13.83 29.39 5.49
CA LYS B 157 -13.72 30.04 4.16
C LYS B 157 -14.03 29.02 3.07
N VAL B 158 -13.49 27.80 3.13
CA VAL B 158 -13.77 26.73 2.12
C VAL B 158 -15.28 26.43 2.07
N GLU B 159 -15.95 26.29 3.22
CA GLU B 159 -17.42 26.02 3.21
C GLU B 159 -18.15 27.13 2.44
N LYS B 160 -17.74 28.39 2.61
CA LYS B 160 -18.34 29.52 1.86
C LYS B 160 -18.03 29.42 0.36
N ILE B 161 -16.79 29.09 -0.03
CA ILE B 161 -16.39 28.95 -1.45
C ILE B 161 -17.20 27.84 -2.11
N VAL B 162 -17.38 26.72 -1.42
CA VAL B 162 -18.11 25.55 -1.96
C VAL B 162 -19.59 25.92 -2.20
N ARG B 163 -20.20 26.58 -1.22
CA ARG B 163 -21.58 27.15 -1.27
C ARG B 163 -21.69 28.07 -2.49
N GLN B 164 -20.68 28.92 -2.77
CA GLN B 164 -20.70 29.87 -3.92
C GLN B 164 -20.56 29.07 -5.21
N ARG B 165 -19.74 28.01 -5.21
CA ARG B 165 -19.57 27.14 -6.40
C ARG B 165 -20.92 26.49 -6.70
N GLU B 166 -21.66 26.02 -5.70
CA GLU B 166 -23.00 25.39 -5.89
C GLU B 166 -23.98 26.43 -6.45
N ARG B 167 -24.01 27.63 -5.86
CA ARG B 167 -24.86 28.76 -6.29
C ARG B 167 -24.56 29.13 -7.75
N GLU B 168 -23.30 29.05 -8.19
CA GLU B 168 -22.87 29.38 -9.56
C GLU B 168 -23.45 28.37 -10.56
N LYS B 169 -23.64 27.12 -10.15
CA LYS B 169 -24.28 26.08 -11.00
C LYS B 169 -25.79 26.33 -11.18
N VAL B 170 -26.46 26.96 -10.22
CA VAL B 170 -27.94 27.21 -10.29
C VAL B 170 -28.20 28.38 -11.26
N ALA B 171 -27.45 29.48 -11.12
CA ALA B 171 -27.36 30.62 -12.05
C ALA B 171 -26.95 30.13 -13.46
ZN ZN C . 2.93 -12.89 4.94
O22 K2U D . -0.31 -12.66 3.72
C1 K2U D . 0.71 -13.38 3.27
O21 K2U D . 1.55 -14.03 3.97
C2 K2U D . 0.66 -13.43 1.75
C3 K2U D . 1.26 -12.31 0.90
C4 K2U D . 2.32 -13.13 0.16
C5 K2U D . 3.29 -12.38 -0.69
C6 K2U D . 4.46 -13.04 -0.98
C7 K2U D . 5.40 -12.40 -1.78
C8 K2U D . 5.15 -11.13 -2.29
C9 K2U D . 3.97 -10.46 -2.01
C10 K2U D . 3.04 -11.10 -1.20
C11 K2U D . 0.09 -11.65 0.12
O12 K2U D . -0.17 -12.40 -1.05
S13 K2U D . 0.29 -9.97 -0.40
C14 K2U D . -1.12 -9.33 -1.24
C15 K2U D . -1.04 -9.38 -2.76
C16 K2U D . 0.17 -9.33 -3.44
C17 K2U D . 0.19 -9.35 -4.84
C18 K2U D . -1.00 -9.44 -5.56
C19 K2U D . -2.22 -9.48 -4.88
C20 K2U D . -2.24 -9.45 -3.49
ZN ZN E . -3.32 18.85 -2.04
O22 K2U F . -4.72 19.68 -5.21
C1 K2U F . -3.47 19.44 -4.94
O21 K2U F . -3.12 18.59 -4.09
C2 K2U F . -2.56 20.24 -5.86
C3 K2U F . -1.99 21.59 -5.44
C4 K2U F . -0.55 21.17 -5.07
C5 K2U F . 0.41 22.22 -4.59
C6 K2U F . 0.12 23.59 -4.49
C7 K2U F . 1.09 24.49 -4.05
C8 K2U F . 2.34 24.01 -3.70
C9 K2U F . 2.62 22.63 -3.79
C10 K2U F . 1.65 21.75 -4.24
C11 K2U F . -2.27 22.58 -6.60
O12 K2U F . -1.19 22.56 -7.52
S13 K2U F . -2.56 24.26 -6.13
C14 K2U F . -3.12 25.29 -7.45
C15 K2U F . -1.99 26.04 -8.13
C16 K2U F . -0.88 26.50 -7.41
C17 K2U F . 0.15 27.19 -8.06
C18 K2U F . 0.08 27.43 -9.44
C19 K2U F . -1.03 26.96 -10.16
C20 K2U F . -2.06 26.28 -9.51
#